data_7STA
#
_entry.id   7STA
#
_cell.length_a   28.940
_cell.length_b   148.180
_cell.length_c   29.000
_cell.angle_alpha   90.000
_cell.angle_beta   90.070
_cell.angle_gamma   90.000
#
_symmetry.space_group_name_H-M   'P 1 21 1'
#
loop_
_entity.id
_entity.type
_entity.pdbx_description
1 polymer 'C-C motif chemokine 19'
2 water water
#
_entity_poly.entity_id   1
_entity_poly.type   'polypeptide(L)'
_entity_poly.pdbx_seq_one_letter_code
;DCCLSVTQKPIPGYIVRNFHYLLIKDGCRVPAVVFTTLRGRQLCAPPDQPWVERIIQRLQRTSA
;
_entity_poly.pdbx_strand_id   A,B,C,D
#
# COMPACT_ATOMS: atom_id res chain seq x y z
N ASP A 1 4.76 -2.08 27.78
CA ASP A 1 4.79 -3.56 27.85
C ASP A 1 3.46 -4.08 28.41
N CYS A 2 2.59 -4.63 27.56
CA CYS A 2 1.23 -5.05 27.99
C CYS A 2 1.20 -6.53 28.37
N CYS A 3 2.29 -7.25 28.16
CA CYS A 3 2.28 -8.71 28.43
C CYS A 3 3.35 -9.05 29.47
N LEU A 4 2.91 -9.47 30.65
CA LEU A 4 3.89 -9.90 31.67
C LEU A 4 4.70 -11.02 31.04
N SER A 5 4.03 -12.03 30.48
CA SER A 5 4.82 -13.07 29.78
C SER A 5 4.10 -13.85 28.69
N VAL A 6 4.48 -13.64 27.43
CA VAL A 6 4.07 -14.60 26.35
C VAL A 6 4.46 -16.03 26.75
N THR A 7 3.56 -16.97 26.51
CA THR A 7 3.83 -18.43 26.62
C THR A 7 4.32 -19.01 25.30
N GLN A 8 5.34 -19.83 25.41
CA GLN A 8 5.87 -20.60 24.26
C GLN A 8 4.89 -21.74 23.99
N LYS A 9 4.57 -22.51 25.05
CA LYS A 9 3.93 -23.84 24.98
C LYS A 9 2.41 -23.73 24.98
N PRO A 10 1.71 -24.70 24.33
CA PRO A 10 0.25 -24.68 24.21
C PRO A 10 -0.50 -24.70 25.54
N ILE A 11 -1.50 -23.85 25.69
CA ILE A 11 -2.50 -23.87 26.80
C ILE A 11 -3.63 -24.78 26.38
N PRO A 12 -4.13 -25.68 27.26
CA PRO A 12 -5.25 -26.53 26.92
C PRO A 12 -6.45 -25.62 26.63
N GLY A 13 -7.16 -25.90 25.54
CA GLY A 13 -8.39 -25.18 25.16
C GLY A 13 -9.32 -25.01 26.35
N TYR A 14 -9.59 -26.10 27.08
CA TYR A 14 -10.62 -26.15 28.15
C TYR A 14 -10.32 -25.10 29.23
N ILE A 15 -9.07 -24.64 29.33
CA ILE A 15 -8.61 -23.60 30.30
C ILE A 15 -9.10 -22.20 29.88
N VAL A 16 -9.35 -21.99 28.58
CA VAL A 16 -9.50 -20.62 28.03
C VAL A 16 -10.96 -20.17 28.08
N ARG A 17 -11.22 -19.05 28.76
CA ARG A 17 -12.55 -18.40 28.78
C ARG A 17 -12.70 -17.60 27.49
N ASN A 18 -11.68 -16.83 27.13
CA ASN A 18 -11.76 -15.97 25.92
C ASN A 18 -10.37 -15.48 25.49
N PHE A 19 -10.36 -14.68 24.43
CA PHE A 19 -9.17 -14.02 23.85
C PHE A 19 -9.51 -12.56 23.60
N HIS A 20 -8.48 -11.73 23.50
CA HIS A 20 -8.57 -10.37 22.91
C HIS A 20 -7.23 -10.12 22.25
N TYR A 21 -7.25 -9.29 21.21
CA TYR A 21 -6.07 -8.91 20.42
C TYR A 21 -5.62 -7.52 20.90
N LEU A 22 -4.36 -7.41 21.32
CA LEU A 22 -3.85 -6.09 21.78
C LEU A 22 -2.80 -5.60 20.81
N LEU A 23 -2.93 -4.33 20.44
CA LEU A 23 -2.09 -3.60 19.46
C LEU A 23 -1.01 -2.80 20.18
N ILE A 24 -0.01 -2.35 19.41
CA ILE A 24 1.07 -1.39 19.79
C ILE A 24 0.44 -0.29 20.66
N LYS A 25 -0.61 0.33 20.11
CA LYS A 25 -1.35 1.48 20.68
C LYS A 25 -2.08 1.09 21.97
N ASP A 26 -2.33 -0.19 22.17
CA ASP A 26 -2.94 -0.69 23.43
C ASP A 26 -1.90 -0.68 24.55
N GLY A 27 -0.65 -0.31 24.24
CA GLY A 27 0.46 -0.22 25.22
C GLY A 27 1.38 -1.41 25.14
N CYS A 28 1.36 -2.16 24.03
CA CYS A 28 2.25 -3.31 23.77
C CYS A 28 3.41 -2.87 22.87
N ARG A 29 4.54 -3.56 22.99
N ARG A 29 4.54 -3.56 22.99
CA ARG A 29 5.70 -3.38 22.08
CA ARG A 29 5.71 -3.39 22.08
C ARG A 29 5.33 -3.96 20.72
C ARG A 29 5.32 -3.96 20.72
N VAL A 30 4.91 -5.23 20.70
CA VAL A 30 4.44 -5.97 19.49
C VAL A 30 2.99 -6.31 19.71
N PRO A 31 2.15 -6.49 18.66
CA PRO A 31 0.79 -6.98 18.85
C PRO A 31 0.82 -8.33 19.58
N ALA A 32 -0.22 -8.61 20.38
CA ALA A 32 -0.31 -9.85 21.19
C ALA A 32 -1.75 -10.34 21.26
N VAL A 33 -1.89 -11.65 21.20
CA VAL A 33 -3.15 -12.36 21.53
C VAL A 33 -3.11 -12.64 23.02
N VAL A 34 -4.07 -12.07 23.77
CA VAL A 34 -4.23 -12.37 25.21
C VAL A 34 -5.36 -13.37 25.41
N PHE A 35 -5.03 -14.55 25.95
CA PHE A 35 -6.02 -15.55 26.42
C PHE A 35 -6.30 -15.31 27.89
N THR A 36 -7.57 -15.21 28.27
CA THR A 36 -7.96 -15.17 29.71
C THR A 36 -8.42 -16.56 30.09
N THR A 37 -7.82 -17.08 31.17
CA THR A 37 -8.13 -18.41 31.70
C THR A 37 -9.47 -18.33 32.42
N LEU A 38 -10.07 -19.49 32.71
CA LEU A 38 -11.27 -19.57 33.56
C LEU A 38 -11.02 -18.82 34.87
N ARG A 39 -9.80 -18.87 35.41
CA ARG A 39 -9.45 -18.22 36.72
C ARG A 39 -9.23 -16.72 36.54
N GLY A 40 -9.01 -16.25 35.31
CA GLY A 40 -8.88 -14.81 34.99
C GLY A 40 -7.43 -14.41 34.77
N ARG A 41 -6.54 -15.41 34.75
CA ARG A 41 -5.11 -15.19 34.45
C ARG A 41 -5.00 -14.79 32.98
N GLN A 42 -4.31 -13.69 32.70
CA GLN A 42 -4.00 -13.31 31.30
C GLN A 42 -2.80 -14.15 30.87
N LEU A 43 -2.89 -14.78 29.72
CA LEU A 43 -1.75 -15.44 29.07
C LEU A 43 -1.63 -14.89 27.66
N CYS A 44 -0.54 -14.19 27.42
CA CYS A 44 -0.16 -13.74 26.08
C CYS A 44 0.36 -14.93 25.31
N ALA A 45 0.03 -14.99 24.02
CA ALA A 45 0.39 -16.11 23.17
C ALA A 45 0.94 -15.60 21.85
N PRO A 46 1.78 -16.39 21.16
CA PRO A 46 2.42 -15.95 19.94
C PRO A 46 1.43 -16.04 18.78
N PRO A 47 1.09 -14.90 18.14
CA PRO A 47 0.13 -14.85 17.02
C PRO A 47 0.42 -15.80 15.86
N ASP A 48 1.65 -16.30 15.75
CA ASP A 48 2.10 -17.12 14.59
C ASP A 48 2.01 -18.62 14.91
N GLN A 49 1.71 -19.00 16.16
CA GLN A 49 1.66 -20.45 16.55
C GLN A 49 0.31 -21.00 16.15
N PRO A 50 0.30 -22.10 15.37
CA PRO A 50 -0.95 -22.76 15.02
C PRO A 50 -1.84 -23.11 16.23
N TRP A 51 -1.26 -23.35 17.43
CA TRP A 51 -2.07 -23.75 18.62
C TRP A 51 -2.93 -22.60 19.09
N VAL A 52 -2.53 -21.37 18.78
CA VAL A 52 -3.27 -20.13 19.13
C VAL A 52 -4.45 -19.93 18.20
N GLU A 53 -4.23 -20.09 16.90
CA GLU A 53 -5.33 -20.05 15.91
C GLU A 53 -6.32 -21.11 16.38
N ARG A 54 -5.82 -22.31 16.70
N ARG A 54 -5.82 -22.31 16.70
CA ARG A 54 -6.61 -23.54 16.98
CA ARG A 54 -6.62 -23.53 16.98
C ARG A 54 -7.57 -23.28 18.16
C ARG A 54 -7.57 -23.28 18.16
N ILE A 55 -7.09 -22.64 19.22
CA ILE A 55 -8.00 -22.27 20.37
C ILE A 55 -9.04 -21.24 19.90
N ILE A 56 -8.63 -20.24 19.15
CA ILE A 56 -9.54 -19.15 18.74
C ILE A 56 -10.64 -19.73 17.83
N GLN A 57 -10.31 -20.75 17.05
CA GLN A 57 -11.31 -21.38 16.16
C GLN A 57 -12.34 -22.17 16.97
N ARG A 58 -12.00 -22.58 18.19
CA ARG A 58 -12.99 -23.25 19.07
C ARG A 58 -13.83 -22.19 19.80
N LEU A 59 -13.18 -21.17 20.34
CA LEU A 59 -13.92 -20.09 21.02
C LEU A 59 -14.92 -19.52 20.01
N GLN A 60 -14.65 -19.71 18.72
CA GLN A 60 -15.50 -19.17 17.61
C GLN A 60 -16.70 -20.08 17.38
N ARG A 61 -16.52 -21.40 17.42
CA ARG A 61 -17.62 -22.37 17.16
C ARG A 61 -18.54 -22.42 18.39
N THR A 62 -17.96 -22.53 19.59
CA THR A 62 -18.66 -22.59 20.90
C THR A 62 -19.18 -21.22 21.30
N SER A 63 -19.01 -20.22 20.43
CA SER A 63 -18.98 -18.78 20.82
C SER A 63 -20.29 -18.35 21.49
N ALA A 64 -21.02 -17.46 20.82
CA ALA A 64 -22.02 -16.54 21.42
C ALA A 64 -22.57 -15.66 20.31
N CYS B 2 -10.69 9.50 11.01
CA CYS B 2 -11.73 8.45 10.98
C CYS B 2 -11.20 7.16 11.61
N CYS B 3 -9.93 7.17 11.98
CA CYS B 3 -9.36 5.97 12.62
C CYS B 3 -8.49 6.34 13.81
N LEU B 4 -8.83 5.77 14.96
CA LEU B 4 -7.96 5.79 16.15
C LEU B 4 -7.21 4.44 16.07
N SER B 5 -7.93 3.42 15.61
CA SER B 5 -7.52 1.99 15.47
C SER B 5 -6.61 1.71 14.26
N VAL B 6 -5.76 2.63 13.80
CA VAL B 6 -4.85 2.37 12.63
C VAL B 6 -3.82 1.30 13.02
N THR B 7 -3.54 0.30 12.18
CA THR B 7 -2.58 -0.74 12.62
C THR B 7 -1.25 -0.61 11.88
N GLN B 8 -0.15 -0.59 12.64
CA GLN B 8 1.24 -0.72 12.16
C GLN B 8 1.39 -2.07 11.46
N LYS B 9 1.22 -3.16 12.21
CA LYS B 9 1.65 -4.53 11.83
C LYS B 9 0.49 -5.33 11.26
N PRO B 10 0.80 -6.40 10.47
CA PRO B 10 -0.22 -7.35 10.05
C PRO B 10 -1.07 -7.90 11.20
N ILE B 11 -2.38 -7.92 10.96
CA ILE B 11 -3.40 -8.63 11.79
C ILE B 11 -3.48 -10.09 11.34
N PRO B 12 -3.49 -11.06 12.28
CA PRO B 12 -3.67 -12.47 11.90
C PRO B 12 -5.09 -12.60 11.32
N GLY B 13 -5.24 -13.29 10.19
CA GLY B 13 -6.50 -13.36 9.46
C GLY B 13 -7.58 -13.96 10.32
N TYR B 14 -7.20 -14.95 11.12
CA TYR B 14 -8.07 -15.75 12.03
C TYR B 14 -8.71 -14.82 13.05
N ILE B 15 -8.17 -13.63 13.24
CA ILE B 15 -8.75 -12.65 14.20
C ILE B 15 -9.97 -11.96 13.57
N VAL B 16 -10.03 -11.90 12.25
CA VAL B 16 -10.95 -10.98 11.54
C VAL B 16 -12.28 -11.67 11.22
N ARG B 17 -13.39 -11.01 11.57
CA ARG B 17 -14.77 -11.42 11.22
C ARG B 17 -15.12 -10.89 9.85
N ASN B 18 -14.92 -9.60 9.62
CA ASN B 18 -15.31 -8.99 8.32
C ASN B 18 -14.44 -7.78 7.98
N PHE B 19 -14.83 -7.08 6.92
CA PHE B 19 -14.14 -5.88 6.46
C PHE B 19 -15.09 -4.93 5.73
N HIS B 20 -14.73 -3.65 5.66
CA HIS B 20 -15.44 -2.61 4.87
C HIS B 20 -14.40 -1.57 4.45
N TYR B 21 -14.69 -0.88 3.37
CA TYR B 21 -13.77 0.12 2.77
C TYR B 21 -14.36 1.48 3.12
N LEU B 22 -13.52 2.46 3.45
CA LEU B 22 -13.93 3.88 3.67
C LEU B 22 -13.11 4.79 2.77
N LEU B 23 -13.82 5.57 1.94
CA LEU B 23 -13.31 6.66 1.05
C LEU B 23 -13.05 7.96 1.83
N ILE B 24 -12.34 8.88 1.18
CA ILE B 24 -12.01 10.22 1.72
C ILE B 24 -13.33 10.89 2.15
N LYS B 25 -14.34 10.81 1.28
CA LYS B 25 -15.64 11.49 1.45
C LYS B 25 -16.44 10.79 2.55
N ASP B 26 -16.07 9.56 2.93
CA ASP B 26 -16.66 8.85 4.09
C ASP B 26 -16.32 9.62 5.37
N GLY B 27 -15.37 10.56 5.31
CA GLY B 27 -14.92 11.38 6.44
C GLY B 27 -13.53 10.99 6.90
N CYS B 28 -12.71 10.43 6.00
CA CYS B 28 -11.32 10.01 6.30
C CYS B 28 -10.35 10.95 5.58
N ARG B 29 -9.16 11.17 6.15
CA ARG B 29 -8.03 11.91 5.54
C ARG B 29 -7.50 11.14 4.32
N VAL B 30 -7.12 9.87 4.51
CA VAL B 30 -6.70 8.87 3.47
C VAL B 30 -7.66 7.69 3.52
N PRO B 31 -7.73 6.87 2.45
CA PRO B 31 -8.66 5.76 2.46
C PRO B 31 -8.32 4.74 3.56
N ALA B 32 -9.29 3.90 3.82
CA ALA B 32 -9.04 2.91 4.87
C ALA B 32 -9.92 1.69 4.71
N VAL B 33 -9.26 0.55 4.80
CA VAL B 33 -9.99 -0.74 4.91
C VAL B 33 -10.11 -0.94 6.42
N VAL B 34 -11.34 -1.13 6.89
CA VAL B 34 -11.59 -1.31 8.34
C VAL B 34 -11.90 -2.78 8.61
N PHE B 35 -11.11 -3.43 9.47
CA PHE B 35 -11.29 -4.85 9.81
C PHE B 35 -12.02 -4.98 11.15
N THR B 36 -13.11 -5.74 11.20
CA THR B 36 -13.79 -5.98 12.50
C THR B 36 -13.31 -7.32 13.01
N THR B 37 -12.72 -7.33 14.21
CA THR B 37 -12.27 -8.56 14.91
C THR B 37 -13.47 -9.44 15.28
N LEU B 38 -13.19 -10.70 15.59
CA LEU B 38 -14.18 -11.63 16.18
C LEU B 38 -14.90 -10.96 17.35
N ARG B 39 -14.20 -10.21 18.22
CA ARG B 39 -14.81 -9.54 19.42
C ARG B 39 -15.63 -8.31 18.97
N GLY B 40 -15.29 -7.69 17.85
CA GLY B 40 -16.06 -6.54 17.36
C GLY B 40 -15.21 -5.29 17.26
N ARG B 41 -13.93 -5.36 17.62
CA ARG B 41 -13.02 -4.20 17.58
C ARG B 41 -12.79 -3.79 16.13
N GLN B 42 -13.00 -2.51 15.82
CA GLN B 42 -12.72 -1.97 14.48
C GLN B 42 -11.22 -1.69 14.38
N LEU B 43 -10.57 -2.13 13.31
CA LEU B 43 -9.13 -1.91 13.12
C LEU B 43 -8.92 -1.44 11.67
N CYS B 44 -8.33 -0.27 11.56
CA CYS B 44 -8.03 0.39 10.27
C CYS B 44 -6.67 -0.09 9.77
N ALA B 45 -6.64 -0.50 8.50
CA ALA B 45 -5.41 -1.05 7.89
C ALA B 45 -5.06 -0.28 6.62
N PRO B 46 -3.76 -0.20 6.27
CA PRO B 46 -3.30 0.60 5.12
C PRO B 46 -3.65 -0.14 3.83
N PRO B 47 -4.52 0.42 2.98
CA PRO B 47 -5.05 -0.28 1.82
C PRO B 47 -4.03 -0.78 0.78
N ASP B 48 -2.79 -0.29 0.77
CA ASP B 48 -1.77 -0.72 -0.23
C ASP B 48 -0.87 -1.83 0.32
N GLN B 49 -1.08 -2.28 1.55
CA GLN B 49 -0.21 -3.35 2.10
C GLN B 49 -0.70 -4.68 1.52
N PRO B 50 0.19 -5.53 0.96
CA PRO B 50 -0.20 -6.85 0.48
C PRO B 50 -1.01 -7.67 1.49
N TRP B 51 -0.65 -7.61 2.77
CA TRP B 51 -1.30 -8.42 3.86
C TRP B 51 -2.79 -8.06 4.02
N VAL B 52 -3.18 -6.86 3.59
CA VAL B 52 -4.59 -6.34 3.76
C VAL B 52 -5.47 -7.03 2.73
N GLU B 53 -4.99 -7.11 1.50
CA GLU B 53 -5.73 -7.80 0.42
C GLU B 53 -5.82 -9.28 0.78
N ARG B 54 -4.76 -9.84 1.33
CA ARG B 54 -4.73 -11.31 1.60
C ARG B 54 -5.83 -11.68 2.58
N ILE B 55 -6.07 -10.88 3.61
CA ILE B 55 -7.19 -11.15 4.55
C ILE B 55 -8.51 -11.05 3.78
N ILE B 56 -8.62 -10.08 2.88
CA ILE B 56 -9.89 -9.86 2.12
C ILE B 56 -10.14 -11.13 1.31
N GLN B 57 -9.09 -11.63 0.66
CA GLN B 57 -9.20 -12.86 -0.17
C GLN B 57 -9.59 -14.06 0.71
N ARG B 58 -9.01 -14.19 1.90
CA ARG B 58 -9.36 -15.30 2.83
C ARG B 58 -10.82 -15.24 3.28
N LEU B 59 -11.32 -14.06 3.61
CA LEU B 59 -12.71 -13.95 4.13
C LEU B 59 -13.64 -14.37 3.01
N GLN B 60 -13.26 -14.04 1.77
CA GLN B 60 -14.11 -14.35 0.59
C GLN B 60 -14.15 -15.85 0.31
N ARG B 61 -13.07 -16.60 0.61
CA ARG B 61 -13.07 -18.05 0.25
C ARG B 61 -13.94 -18.82 1.26
N THR B 62 -13.74 -18.54 2.57
CA THR B 62 -14.41 -19.21 3.72
C THR B 62 -15.86 -18.70 3.82
N ASP C 1 -3.48 19.92 -6.06
CA ASP C 1 -3.25 19.57 -4.62
C ASP C 1 -3.01 18.05 -4.43
N CYS C 2 -2.22 17.37 -5.29
CA CYS C 2 -2.10 15.88 -5.32
C CYS C 2 -0.99 15.34 -4.43
N CYS C 3 -0.07 16.20 -3.95
CA CYS C 3 1.08 15.74 -3.13
C CYS C 3 1.59 16.84 -2.18
N LEU C 4 1.67 16.50 -0.89
CA LEU C 4 1.61 17.47 0.24
C LEU C 4 2.87 18.33 0.21
N SER C 5 4.01 17.75 -0.11
CA SER C 5 5.26 18.54 -0.27
C SER C 5 6.30 17.80 -1.12
N VAL C 6 6.71 18.45 -2.22
CA VAL C 6 7.99 18.20 -2.96
C VAL C 6 9.18 18.45 -2.03
N THR C 7 10.16 17.54 -2.06
CA THR C 7 11.47 17.70 -1.39
C THR C 7 12.51 18.34 -2.32
N GLN C 8 13.22 19.29 -1.77
CA GLN C 8 14.34 19.97 -2.46
C GLN C 8 15.50 18.98 -2.48
N LYS C 9 15.84 18.43 -1.30
CA LYS C 9 17.12 17.70 -1.03
C LYS C 9 17.00 16.23 -1.38
N PRO C 10 18.13 15.58 -1.79
CA PRO C 10 18.14 14.16 -2.15
C PRO C 10 17.72 13.19 -1.05
N ILE C 11 16.86 12.24 -1.37
CA ILE C 11 16.48 11.06 -0.54
C ILE C 11 17.49 9.94 -0.82
N PRO C 12 18.02 9.25 0.22
CA PRO C 12 18.89 8.09 0.01
C PRO C 12 18.11 7.05 -0.79
N GLY C 13 18.75 6.49 -1.82
CA GLY C 13 18.20 5.36 -2.58
C GLY C 13 17.57 4.31 -1.68
N TYR C 14 18.32 3.85 -0.67
CA TYR C 14 17.98 2.68 0.17
C TYR C 14 16.63 2.89 0.85
N ILE C 15 16.18 4.14 0.97
CA ILE C 15 14.88 4.52 1.61
C ILE C 15 13.70 4.19 0.67
N VAL C 16 13.95 4.14 -0.64
CA VAL C 16 12.84 4.21 -1.66
C VAL C 16 12.40 2.80 -2.04
N ARG C 17 11.12 2.50 -1.86
CA ARG C 17 10.50 1.23 -2.28
C ARG C 17 10.21 1.35 -3.77
N ASN C 18 9.60 2.46 -4.18
CA ASN C 18 9.23 2.64 -5.60
C ASN C 18 8.93 4.10 -5.92
N PHE C 19 8.53 4.33 -7.16
CA PHE C 19 8.14 5.64 -7.72
C PHE C 19 6.84 5.44 -8.50
N HIS C 20 6.09 6.52 -8.69
CA HIS C 20 5.03 6.60 -9.72
C HIS C 20 5.03 8.04 -10.19
N TYR C 21 4.63 8.24 -11.44
CA TYR C 21 4.55 9.57 -12.09
C TYR C 21 3.09 10.02 -12.07
N LEU C 22 2.84 11.21 -11.52
CA LEU C 22 1.46 11.72 -11.47
C LEU C 22 1.34 12.95 -12.35
N LEU C 23 0.29 12.92 -13.17
CA LEU C 23 -0.05 13.92 -14.19
C LEU C 23 -1.04 14.93 -13.62
N ILE C 24 -1.14 16.06 -14.31
CA ILE C 24 -2.15 17.13 -14.13
C ILE C 24 -3.51 16.45 -13.84
N LYS C 25 -3.87 15.50 -14.70
CA LYS C 25 -5.22 14.87 -14.74
C LYS C 25 -5.35 13.92 -13.56
N ASP C 26 -4.24 13.54 -12.92
CA ASP C 26 -4.23 12.72 -11.69
C ASP C 26 -4.70 13.58 -10.51
N GLY C 27 -4.84 14.89 -10.72
CA GLY C 27 -5.28 15.84 -9.68
C GLY C 27 -4.13 16.67 -9.15
N CYS C 28 -3.01 16.74 -9.88
CA CYS C 28 -1.84 17.60 -9.56
C CYS C 28 -1.93 18.90 -10.34
N ARG C 29 -1.33 19.97 -9.81
N ARG C 29 -1.33 19.97 -9.81
CA ARG C 29 -1.15 21.26 -10.53
CA ARG C 29 -1.15 21.26 -10.53
C ARG C 29 -0.13 21.05 -11.64
C ARG C 29 -0.13 21.04 -11.63
N VAL C 30 1.07 20.58 -11.27
CA VAL C 30 2.18 20.26 -12.22
C VAL C 30 2.45 18.78 -12.07
N PRO C 31 2.99 18.11 -13.12
CA PRO C 31 3.39 16.72 -13.01
C PRO C 31 4.38 16.53 -11.86
N ALA C 32 4.34 15.36 -11.21
CA ALA C 32 5.19 15.04 -10.05
C ALA C 32 5.65 13.58 -10.08
N VAL C 33 6.90 13.37 -9.70
CA VAL C 33 7.41 12.03 -9.40
C VAL C 33 7.21 11.82 -7.90
N VAL C 34 6.41 10.81 -7.56
CA VAL C 34 6.18 10.40 -6.16
C VAL C 34 7.04 9.18 -5.84
N PHE C 35 7.96 9.33 -4.92
CA PHE C 35 8.72 8.21 -4.30
C PHE C 35 7.98 7.73 -3.07
N THR C 36 7.75 6.44 -2.94
CA THR C 36 7.22 5.83 -1.70
C THR C 36 8.38 5.22 -0.94
N THR C 37 8.47 5.55 0.34
CA THR C 37 9.54 5.08 1.24
C THR C 37 9.23 3.64 1.64
N LEU C 38 10.21 2.95 2.25
CA LEU C 38 9.97 1.59 2.78
C LEU C 38 8.79 1.66 3.77
N ARG C 39 8.65 2.77 4.51
CA ARG C 39 7.59 2.96 5.55
C ARG C 39 6.25 3.29 4.89
N GLY C 40 6.26 3.77 3.64
CA GLY C 40 5.03 4.03 2.87
C GLY C 40 4.75 5.52 2.80
N ARG C 41 5.67 6.34 3.28
CA ARG C 41 5.55 7.81 3.16
C ARG C 41 5.72 8.19 1.69
N GLN C 42 4.79 9.00 1.16
CA GLN C 42 4.92 9.59 -0.18
C GLN C 42 5.87 10.78 -0.08
N LEU C 43 6.87 10.82 -0.94
CA LEU C 43 7.70 12.04 -1.13
C LEU C 43 7.69 12.42 -2.60
N CYS C 44 7.14 13.59 -2.89
CA CYS C 44 7.23 14.19 -4.22
C CYS C 44 8.63 14.73 -4.43
N ALA C 45 9.11 14.59 -5.66
CA ALA C 45 10.47 15.01 -6.01
C ALA C 45 10.43 15.81 -7.30
N PRO C 46 11.42 16.69 -7.51
CA PRO C 46 11.44 17.58 -8.67
C PRO C 46 11.91 16.80 -9.89
N PRO C 47 11.06 16.67 -10.93
CA PRO C 47 11.38 15.90 -12.13
C PRO C 47 12.69 16.25 -12.86
N ASP C 48 13.24 17.45 -12.59
CA ASP C 48 14.44 18.02 -13.25
C ASP C 48 15.69 17.80 -12.39
N GLN C 49 15.59 17.20 -11.20
CA GLN C 49 16.80 17.00 -10.36
C GLN C 49 17.47 15.70 -10.78
N PRO C 50 18.76 15.75 -11.13
CA PRO C 50 19.52 14.54 -11.44
C PRO C 50 19.42 13.43 -10.37
N TRP C 51 19.22 13.78 -9.08
CA TRP C 51 19.18 12.77 -7.99
C TRP C 51 17.93 11.90 -8.11
N VAL C 52 16.89 12.42 -8.75
CA VAL C 52 15.58 11.73 -8.96
C VAL C 52 15.71 10.76 -10.13
N GLU C 53 16.33 11.20 -11.23
CA GLU C 53 16.64 10.30 -12.36
C GLU C 53 17.45 9.16 -11.76
N ARG C 54 18.46 9.52 -10.95
CA ARG C 54 19.47 8.57 -10.41
C ARG C 54 18.82 7.48 -9.56
N ILE C 55 17.86 7.79 -8.69
CA ILE C 55 17.11 6.76 -7.92
C ILE C 55 16.28 5.89 -8.85
N ILE C 56 15.60 6.51 -9.82
CA ILE C 56 14.73 5.82 -10.81
C ILE C 56 15.58 4.81 -11.60
N GLN C 57 16.83 5.15 -11.90
CA GLN C 57 17.76 4.25 -12.62
C GLN C 57 18.19 3.09 -11.70
N ARG C 58 18.28 3.30 -10.38
CA ARG C 58 18.48 2.16 -9.42
C ARG C 58 17.21 1.29 -9.39
N LEU C 59 16.02 1.85 -9.17
CA LEU C 59 14.78 1.04 -9.16
C LEU C 59 14.72 0.15 -10.41
N GLN C 60 15.15 0.69 -11.57
CA GLN C 60 15.12 0.05 -12.91
C GLN C 60 16.01 -1.18 -12.96
N ARG C 61 17.19 -1.14 -12.35
CA ARG C 61 18.12 -2.28 -12.41
C ARG C 61 17.81 -3.21 -11.24
N THR C 62 17.30 -2.66 -10.14
CA THR C 62 17.03 -3.43 -8.89
C THR C 62 15.94 -4.48 -9.05
N SER C 63 14.90 -4.22 -9.83
CA SER C 63 13.79 -5.21 -9.85
C SER C 63 12.98 -5.19 -11.14
N ALA C 64 12.20 -6.25 -11.36
CA ALA C 64 11.32 -6.36 -12.53
C ALA C 64 10.19 -7.33 -12.17
N CYS D 2 -9.56 7.69 -27.70
CA CYS D 2 -8.52 6.63 -27.67
C CYS D 2 -7.47 6.96 -26.60
N CYS D 3 -7.53 8.19 -26.11
CA CYS D 3 -6.59 8.63 -25.07
C CYS D 3 -7.36 9.28 -23.94
N LEU D 4 -7.29 8.69 -22.76
CA LEU D 4 -7.84 9.38 -21.57
C LEU D 4 -6.64 10.13 -21.00
N SER D 5 -5.44 9.60 -21.22
CA SER D 5 -4.21 10.17 -20.63
C SER D 5 -3.44 11.09 -21.57
N VAL D 6 -4.07 12.13 -22.15
CA VAL D 6 -3.33 13.12 -22.99
C VAL D 6 -2.40 13.95 -22.08
N THR D 7 -1.13 14.11 -22.45
CA THR D 7 -0.19 14.82 -21.54
C THR D 7 -0.01 16.29 -21.92
N GLN D 8 -0.43 17.21 -21.07
CA GLN D 8 -0.18 18.65 -21.29
C GLN D 8 1.34 18.85 -21.44
N LYS D 9 2.09 18.49 -20.39
CA LYS D 9 3.51 18.88 -20.19
C LYS D 9 4.44 17.77 -20.65
N PRO D 10 5.71 18.11 -20.96
CA PRO D 10 6.73 17.11 -21.24
C PRO D 10 6.84 16.04 -20.14
N ILE D 11 6.94 14.79 -20.58
CA ILE D 11 7.30 13.62 -19.73
C ILE D 11 8.82 13.51 -19.64
N PRO D 12 9.40 13.27 -18.44
CA PRO D 12 10.84 13.06 -18.35
C PRO D 12 11.15 11.76 -19.10
N GLY D 13 12.21 11.77 -19.90
CA GLY D 13 12.54 10.65 -20.80
C GLY D 13 12.77 9.41 -19.98
N TYR D 14 13.39 9.58 -18.82
CA TYR D 14 13.86 8.52 -17.89
C TYR D 14 12.63 7.78 -17.35
N ILE D 15 11.45 8.37 -17.48
CA ILE D 15 10.19 7.72 -17.05
C ILE D 15 9.76 6.66 -18.08
N VAL D 16 10.15 6.80 -19.33
CA VAL D 16 9.53 6.07 -20.47
C VAL D 16 10.29 4.76 -20.76
N ARG D 17 9.56 3.66 -20.82
CA ARG D 17 10.06 2.33 -21.23
C ARG D 17 10.00 2.22 -22.75
N ASN D 18 8.90 2.62 -23.37
CA ASN D 18 8.74 2.52 -24.85
C ASN D 18 7.71 3.52 -25.40
N PHE D 19 7.44 3.39 -26.69
CA PHE D 19 6.45 4.20 -27.42
C PHE D 19 5.80 3.35 -28.52
N HIS D 20 4.63 3.76 -28.99
CA HIS D 20 4.04 3.32 -30.27
C HIS D 20 3.19 4.46 -30.83
N TYR D 21 2.93 4.41 -32.12
CA TYR D 21 2.13 5.43 -32.85
C TYR D 21 0.73 4.88 -33.05
N LEU D 22 -0.30 5.73 -32.92
CA LEU D 22 -1.70 5.40 -33.28
C LEU D 22 -2.22 6.42 -34.28
N LEU D 23 -2.69 5.94 -35.43
CA LEU D 23 -3.40 6.70 -36.51
C LEU D 23 -4.90 6.89 -36.19
N ILE D 24 -5.55 7.74 -36.99
CA ILE D 24 -7.00 8.06 -36.88
C ILE D 24 -7.77 6.74 -36.96
N LYS D 25 -7.38 5.90 -37.92
CA LYS D 25 -8.04 4.61 -38.26
C LYS D 25 -7.79 3.61 -37.12
N ASP D 26 -6.79 3.85 -36.28
CA ASP D 26 -6.53 3.01 -35.08
C ASP D 26 -7.70 3.19 -34.09
N GLY D 27 -8.53 4.22 -34.28
CA GLY D 27 -9.72 4.50 -33.45
C GLY D 27 -9.53 5.79 -32.67
N CYS D 28 -8.68 6.71 -33.15
CA CYS D 28 -8.39 8.01 -32.49
C CYS D 28 -8.99 9.15 -33.30
N ARG D 29 -9.33 10.27 -32.67
CA ARG D 29 -9.84 11.48 -33.35
C ARG D 29 -8.67 12.19 -34.03
N VAL D 30 -7.52 12.36 -33.34
CA VAL D 30 -6.24 12.88 -33.91
C VAL D 30 -5.17 11.84 -33.66
N PRO D 31 -4.04 11.87 -34.38
CA PRO D 31 -3.00 10.90 -34.15
C PRO D 31 -2.44 10.98 -32.71
N ALA D 32 -1.70 9.94 -32.37
CA ALA D 32 -1.12 9.94 -31.02
C ALA D 32 0.08 9.01 -30.92
N VAL D 33 1.13 9.60 -30.38
CA VAL D 33 2.24 8.81 -29.80
C VAL D 33 1.83 8.40 -28.39
N VAL D 34 1.87 7.09 -28.15
CA VAL D 34 1.59 6.50 -26.80
C VAL D 34 2.92 6.09 -26.18
N PHE D 35 3.30 6.74 -25.07
CA PHE D 35 4.47 6.37 -24.24
C PHE D 35 4.00 5.38 -23.16
N THR D 36 4.73 4.30 -22.94
CA THR D 36 4.52 3.41 -21.78
C THR D 36 5.60 3.73 -20.74
N THR D 37 5.20 4.13 -19.53
CA THR D 37 6.10 4.39 -18.39
C THR D 37 6.78 3.11 -17.93
N LEU D 38 7.84 3.27 -17.15
CA LEU D 38 8.50 2.14 -16.48
C LEU D 38 7.45 1.28 -15.75
N ARG D 39 6.43 1.89 -15.11
CA ARG D 39 5.40 1.14 -14.33
C ARG D 39 4.40 0.48 -15.30
N GLY D 40 4.23 1.01 -16.49
CA GLY D 40 3.33 0.40 -17.48
C GLY D 40 2.18 1.32 -17.85
N ARG D 41 2.10 2.50 -17.23
CA ARG D 41 1.04 3.48 -17.54
C ARG D 41 1.19 3.97 -18.97
N GLN D 42 0.10 3.91 -19.74
CA GLN D 42 0.08 4.43 -21.13
C GLN D 42 -0.15 5.94 -21.07
N LEU D 43 0.61 6.71 -21.82
CA LEU D 43 0.51 8.19 -21.79
C LEU D 43 0.57 8.67 -23.22
N CYS D 44 -0.47 9.40 -23.59
CA CYS D 44 -0.63 9.94 -24.96
C CYS D 44 0.01 11.31 -25.01
N ALA D 45 0.80 11.52 -26.06
CA ALA D 45 1.55 12.77 -26.22
C ALA D 45 1.30 13.34 -27.61
N PRO D 46 1.33 14.70 -27.73
CA PRO D 46 0.95 15.37 -28.98
C PRO D 46 2.07 15.20 -30.01
N PRO D 47 1.80 14.52 -31.14
CA PRO D 47 2.85 14.12 -32.09
C PRO D 47 3.74 15.23 -32.68
N ASP D 48 3.32 16.50 -32.65
CA ASP D 48 4.11 17.61 -33.25
C ASP D 48 4.95 18.34 -32.20
N GLN D 49 4.95 17.89 -30.95
CA GLN D 49 5.75 18.59 -29.92
C GLN D 49 7.20 18.13 -30.06
N PRO D 50 8.18 19.06 -30.14
CA PRO D 50 9.58 18.67 -30.25
C PRO D 50 10.01 17.62 -29.20
N TRP D 51 9.55 17.77 -27.96
CA TRP D 51 9.92 16.89 -26.80
C TRP D 51 9.46 15.44 -26.99
N VAL D 52 8.45 15.21 -27.82
CA VAL D 52 7.91 13.84 -28.07
C VAL D 52 8.87 13.10 -29.00
N GLU D 53 9.34 13.79 -30.00
CA GLU D 53 10.29 13.16 -30.93
C GLU D 53 11.57 12.93 -30.14
N ARG D 54 11.85 13.87 -29.24
CA ARG D 54 13.16 13.87 -28.52
C ARG D 54 13.28 12.63 -27.64
N ILE D 55 12.21 12.23 -26.95
CA ILE D 55 12.16 10.96 -26.16
C ILE D 55 12.35 9.78 -27.11
N ILE D 56 11.64 9.78 -28.24
CA ILE D 56 11.73 8.69 -29.24
C ILE D 56 13.20 8.48 -29.63
N GLN D 57 13.94 9.57 -29.83
CA GLN D 57 15.39 9.52 -30.20
C GLN D 57 16.20 8.99 -29.00
N ARG D 58 15.84 9.28 -27.75
CA ARG D 58 16.57 8.73 -26.56
C ARG D 58 16.36 7.22 -26.52
N LEU D 59 15.10 6.78 -26.58
CA LEU D 59 14.76 5.33 -26.56
C LEU D 59 15.63 4.60 -27.58
N GLN D 60 15.80 5.20 -28.76
CA GLN D 60 16.51 4.64 -29.95
C GLN D 60 18.00 4.41 -29.65
N ARG D 61 18.66 5.36 -28.96
CA ARG D 61 20.14 5.32 -28.80
C ARG D 61 20.51 4.25 -27.76
N THR D 62 19.81 4.25 -26.62
CA THR D 62 20.12 3.48 -25.37
C THR D 62 19.80 2.00 -25.59
#